data_6H47
#
_entry.id   6H47
#
_cell.length_a   85.829
_cell.length_b   85.829
_cell.length_c   227.122
_cell.angle_alpha   90.00
_cell.angle_beta   90.00
_cell.angle_gamma   120.00
#
_symmetry.space_group_name_H-M   'P 61 2 2'
#
loop_
_entity.id
_entity.type
_entity.pdbx_description
1 polymer 'GTPase KRas'
2 polymer 'darpin K19'
3 non-polymer 'SULFATE ION'
4 water water
#
loop_
_entity_poly.entity_id
_entity_poly.type
_entity_poly.pdbx_seq_one_letter_code
_entity_poly.pdbx_strand_id
1 'polypeptide(L)'
;GSHMTEYKLVVVGAVGVGKSALTIQLIQNHFVDEYDPTIEDSYRKQVVIDGETCLLDILDTAGQEEYSAMRDQYMRTGEG
FLCVFAINNTKSFEDIHHYREQIKRVKDSEDVPMVLVGNKCDLPSRTVDTKQAQDLARSYGIPFIETSAKTRQGVDDAFY
TLVREIRKH
;
A
2 'polypeptide(L)'
;MGHHHHHHHHHHSSGHIEGRHMDLGKKLLEAARAGQDDEVRILMANGADVNASDRWGWTPLHLAAWWGHLEIVEVLLKRG
ADVSAADLHGQSPLHLAAMVGHLEIVEVLLKYGADVNAKDTMGATPLHLAARSGHLEIVEELLKNGADMNAQDKFGKTTF
DISTDNGNEDLAEILQKL
;
B
#
# COMPACT_ATOMS: atom_id res chain seq x y z
N MET A 4 -31.16 12.09 -5.26
CA MET A 4 -29.98 12.69 -4.56
C MET A 4 -28.72 11.86 -4.80
N THR A 5 -27.57 12.52 -4.78
CA THR A 5 -26.29 11.85 -5.04
C THR A 5 -25.91 10.92 -3.89
N GLU A 6 -25.51 9.70 -4.23
CA GLU A 6 -25.06 8.71 -3.25
C GLU A 6 -23.59 8.42 -3.47
N TYR A 7 -22.84 8.26 -2.38
CA TYR A 7 -21.44 7.92 -2.42
C TYR A 7 -21.22 6.58 -1.71
N LYS A 8 -20.84 5.56 -2.49
CA LYS A 8 -20.58 4.22 -1.94
C LYS A 8 -19.14 4.15 -1.45
N LEU A 9 -18.95 4.15 -0.13
CA LEU A 9 -17.62 4.18 0.49
C LEU A 9 -17.34 2.85 1.14
N VAL A 10 -16.14 2.31 0.89
CA VAL A 10 -15.76 1.01 1.47
C VAL A 10 -14.55 1.21 2.36
N VAL A 11 -14.63 0.67 3.58
CA VAL A 11 -13.55 0.76 4.55
C VAL A 11 -12.78 -0.57 4.54
N VAL A 12 -11.51 -0.51 4.15
CA VAL A 12 -10.66 -1.68 4.01
C VAL A 12 -9.44 -1.54 4.92
N GLY A 13 -8.83 -2.68 5.20
CA GLY A 13 -7.67 -2.73 6.09
C GLY A 13 -7.65 -4.03 6.84
N ALA A 14 -6.48 -4.34 7.40
CA ALA A 14 -6.26 -5.55 8.17
C ALA A 14 -7.18 -5.67 9.39
N VAL A 15 -7.33 -6.90 9.88
CA VAL A 15 -8.06 -7.14 11.11
C VAL A 15 -7.39 -6.33 12.25
N GLY A 16 -8.21 -5.65 13.05
CA GLY A 16 -7.74 -4.96 14.24
C GLY A 16 -7.20 -3.55 14.07
N VAL A 17 -7.32 -2.96 12.87
CA VAL A 17 -6.85 -1.58 12.65
C VAL A 17 -7.83 -0.49 13.07
N GLY A 18 -9.05 -0.87 13.44
CA GLY A 18 -10.07 0.07 13.91
C GLY A 18 -11.09 0.50 12.87
N LYS A 19 -11.32 -0.34 11.86
CA LYS A 19 -12.29 -0.03 10.80
C LYS A 19 -13.69 0.22 11.35
N SER A 20 -14.16 -0.68 12.19
CA SER A 20 -15.50 -0.56 12.75
C SER A 20 -15.64 0.63 13.68
N ALA A 21 -14.62 0.83 14.53
CA ALA A 21 -14.62 1.97 15.46
C ALA A 21 -14.68 3.32 14.72
N LEU A 22 -13.92 3.44 13.63
CA LEU A 22 -13.94 4.64 12.78
C LEU A 22 -15.30 4.87 12.15
N THR A 23 -15.86 3.80 11.59
CA THR A 23 -17.16 3.89 10.96
C THR A 23 -18.25 4.28 11.97
N ILE A 24 -18.26 3.61 13.13
CA ILE A 24 -19.22 3.92 14.18
C ILE A 24 -19.08 5.37 14.63
N GLN A 25 -17.84 5.85 14.76
CA GLN A 25 -17.61 7.23 15.17
C GLN A 25 -18.19 8.23 14.17
N LEU A 26 -18.07 7.95 12.88
CA LEU A 26 -18.68 8.81 11.85
C LEU A 26 -20.21 8.81 11.93
N ILE A 27 -20.79 7.62 12.08
CA ILE A 27 -22.25 7.46 12.01
C ILE A 27 -22.97 7.98 13.25
N GLN A 28 -22.39 7.76 14.44
CA GLN A 28 -23.02 8.16 15.70
C GLN A 28 -23.48 9.63 15.68
N ASN A 29 -24.67 9.88 16.23
CA ASN A 29 -25.23 11.24 16.31
C ASN A 29 -25.20 11.83 17.73
N HIS A 30 -24.66 11.06 18.69
CA HIS A 30 -24.50 11.52 20.08
C HIS A 30 -23.37 10.75 20.77
N PHE A 31 -22.79 11.35 21.81
CA PHE A 31 -21.70 10.73 22.56
C PHE A 31 -22.23 9.63 23.49
N VAL A 32 -21.54 8.50 23.52
CA VAL A 32 -21.80 7.42 24.48
C VAL A 32 -20.46 6.86 24.99
N ASP A 33 -20.32 6.77 26.32
CA ASP A 33 -19.07 6.29 26.95
C ASP A 33 -18.96 4.77 26.89
N GLU A 40 -27.13 -0.85 15.94
CA GLU A 40 -28.42 -0.17 16.06
C GLU A 40 -28.64 0.91 15.00
N ASP A 41 -27.56 1.54 14.54
CA ASP A 41 -27.64 2.68 13.60
C ASP A 41 -27.46 2.22 12.15
N SER A 42 -27.72 3.11 11.21
CA SER A 42 -27.69 2.80 9.77
C SER A 42 -26.42 3.33 9.13
N TYR A 43 -25.86 2.54 8.22
CA TYR A 43 -24.68 2.95 7.44
C TYR A 43 -25.05 3.67 6.13
N ARG A 44 -26.33 4.02 5.97
CA ARG A 44 -26.77 5.00 4.97
C ARG A 44 -27.09 6.30 5.68
N LYS A 45 -26.15 7.24 5.64
CA LYS A 45 -26.26 8.48 6.41
C LYS A 45 -26.40 9.66 5.45
N GLN A 46 -27.48 10.41 5.63
CA GLN A 46 -27.73 11.63 4.84
C GLN A 46 -26.97 12.79 5.50
N VAL A 47 -26.19 13.51 4.69
CA VAL A 47 -25.43 14.66 5.17
C VAL A 47 -25.51 15.78 4.13
N VAL A 48 -25.01 16.95 4.49
CA VAL A 48 -24.87 18.05 3.54
C VAL A 48 -23.37 18.33 3.42
N ILE A 49 -22.83 18.21 2.21
CA ILE A 49 -21.41 18.44 1.93
C ILE A 49 -21.35 19.52 0.87
N ASP A 50 -20.63 20.59 1.17
CA ASP A 50 -20.43 21.72 0.24
C ASP A 50 -21.74 22.21 -0.38
N GLY A 51 -22.76 22.38 0.48
CA GLY A 51 -24.07 22.86 0.07
C GLY A 51 -25.08 21.86 -0.45
N GLU A 52 -24.63 20.63 -0.77
CA GLU A 52 -25.48 19.65 -1.44
C GLU A 52 -25.83 18.50 -0.50
N THR A 53 -27.11 18.17 -0.44
CA THR A 53 -27.57 17.04 0.35
C THR A 53 -27.21 15.78 -0.42
N CYS A 54 -26.55 14.86 0.26
CA CYS A 54 -26.10 13.61 -0.36
C CYS A 54 -26.16 12.49 0.67
N LEU A 55 -25.95 11.27 0.18
CA LEU A 55 -26.04 10.09 1.01
C LEU A 55 -24.70 9.39 1.04
N LEU A 56 -24.18 9.13 2.24
CA LEU A 56 -22.99 8.30 2.41
C LEU A 56 -23.48 6.88 2.63
N ASP A 57 -23.08 5.98 1.75
CA ASP A 57 -23.52 4.59 1.77
C ASP A 57 -22.27 3.79 2.10
N ILE A 58 -22.13 3.40 3.37
CA ILE A 58 -20.86 2.91 3.88
C ILE A 58 -20.86 1.39 4.04
N LEU A 59 -19.80 0.75 3.56
CA LEU A 59 -19.59 -0.69 3.75
C LEU A 59 -18.29 -0.90 4.51
N ASP A 60 -18.37 -1.69 5.59
CA ASP A 60 -17.21 -2.06 6.41
C ASP A 60 -16.89 -3.52 6.15
N THR A 61 -15.64 -3.81 5.80
CA THR A 61 -15.19 -5.18 5.55
C THR A 61 -14.88 -6.01 6.81
N ALA A 62 -14.97 -5.40 7.99
CA ALA A 62 -14.67 -6.10 9.25
C ALA A 62 -15.45 -7.39 9.40
N GLY A 63 -14.75 -8.49 9.63
CA GLY A 63 -15.34 -9.82 9.64
C GLY A 63 -15.07 -10.66 8.40
N GLN A 64 -14.73 -9.99 7.28
CA GLN A 64 -14.52 -10.67 5.99
C GLN A 64 -13.17 -10.30 5.35
N GLU A 65 -12.21 -9.86 6.15
CA GLU A 65 -10.91 -9.41 5.62
C GLU A 65 -10.18 -10.55 4.91
N GLU A 66 -10.30 -11.75 5.48
CA GLU A 66 -9.74 -13.01 4.93
C GLU A 66 -10.55 -13.66 3.78
N TYR A 67 -11.77 -13.20 3.55
CA TYR A 67 -12.71 -13.83 2.63
C TYR A 67 -12.55 -13.24 1.23
N SER A 68 -11.67 -13.84 0.44
CA SER A 68 -11.25 -13.27 -0.84
C SER A 68 -12.39 -12.93 -1.78
N ALA A 69 -13.33 -13.85 -1.95
CA ALA A 69 -14.43 -13.67 -2.89
C ALA A 69 -15.31 -12.49 -2.48
N MET A 70 -15.53 -12.32 -1.17
CA MET A 70 -16.32 -11.21 -0.68
C MET A 70 -15.57 -9.89 -0.68
N ARG A 71 -14.28 -9.90 -0.35
CA ARG A 71 -13.43 -8.71 -0.51
C ARG A 71 -13.57 -8.14 -1.93
N ASP A 72 -13.49 -9.01 -2.93
CA ASP A 72 -13.62 -8.58 -4.32
C ASP A 72 -15.00 -7.99 -4.64
N GLN A 73 -16.05 -8.55 -4.03
CA GLN A 73 -17.40 -8.00 -4.20
C GLN A 73 -17.51 -6.57 -3.62
N TYR A 74 -16.92 -6.33 -2.46
CA TYR A 74 -16.85 -4.95 -1.91
C TYR A 74 -16.11 -4.03 -2.87
N MET A 75 -15.01 -4.52 -3.44
CA MET A 75 -14.20 -3.70 -4.34
C MET A 75 -14.94 -3.38 -5.64
N ARG A 76 -15.75 -4.30 -6.14
CA ARG A 76 -16.57 -4.02 -7.33
C ARG A 76 -17.59 -2.92 -7.11
N THR A 77 -18.25 -2.93 -5.95
CA THR A 77 -19.35 -2.00 -5.72
CA THR A 77 -19.35 -2.01 -5.67
C THR A 77 -18.88 -0.63 -5.21
N GLY A 78 -17.76 -0.61 -4.49
CA GLY A 78 -17.26 0.63 -3.90
C GLY A 78 -16.86 1.67 -4.94
N GLU A 79 -17.22 2.93 -4.68
CA GLU A 79 -16.80 4.07 -5.51
C GLU A 79 -15.53 4.72 -4.99
N GLY A 80 -15.30 4.63 -3.69
CA GLY A 80 -14.06 5.10 -3.06
C GLY A 80 -13.74 4.26 -1.85
N PHE A 81 -12.45 4.23 -1.50
CA PHE A 81 -11.93 3.34 -0.48
C PHE A 81 -11.17 4.09 0.59
N LEU A 82 -11.55 3.85 1.84
CA LEU A 82 -10.81 4.32 2.99
C LEU A 82 -9.84 3.20 3.35
N CYS A 83 -8.55 3.42 3.10
CA CYS A 83 -7.52 2.39 3.31
C CYS A 83 -6.87 2.61 4.67
N VAL A 84 -7.31 1.83 5.64
CA VAL A 84 -6.96 2.05 7.04
C VAL A 84 -5.84 1.11 7.49
N PHE A 85 -4.79 1.70 8.08
CA PHE A 85 -3.79 0.95 8.84
C PHE A 85 -3.72 1.52 10.26
N ALA A 86 -3.06 0.78 11.15
CA ALA A 86 -2.85 1.25 12.52
C ALA A 86 -1.39 1.67 12.65
N ILE A 87 -1.16 2.82 13.26
CA ILE A 87 0.21 3.37 13.38
C ILE A 87 1.16 2.55 14.26
N ASN A 88 0.63 1.60 15.03
CA ASN A 88 1.44 0.66 15.81
C ASN A 88 1.50 -0.77 15.26
N ASN A 89 1.22 -0.92 13.95
CA ASN A 89 1.16 -2.24 13.31
C ASN A 89 1.76 -2.13 11.90
N THR A 90 3.05 -2.44 11.78
CA THR A 90 3.73 -2.32 10.50
C THR A 90 3.13 -3.21 9.41
N LYS A 91 2.72 -4.43 9.75
CA LYS A 91 2.07 -5.31 8.79
C LYS A 91 0.84 -4.67 8.16
N SER A 92 0.04 -3.97 8.97
CA SER A 92 -1.17 -3.35 8.47
C SER A 92 -0.87 -2.23 7.47
N PHE A 93 0.28 -1.58 7.62
CA PHE A 93 0.70 -0.51 6.71
C PHE A 93 1.06 -1.10 5.34
N GLU A 94 1.89 -2.13 5.31
CA GLU A 94 2.24 -2.77 4.04
C GLU A 94 1.01 -3.42 3.38
N ASP A 95 0.04 -3.88 4.19
CA ASP A 95 -1.17 -4.47 3.65
C ASP A 95 -1.93 -3.49 2.74
N ILE A 96 -1.78 -2.20 2.98
CA ILE A 96 -2.40 -1.19 2.11
C ILE A 96 -1.93 -1.37 0.66
N HIS A 97 -0.66 -1.70 0.47
CA HIS A 97 -0.18 -1.98 -0.89
C HIS A 97 -0.97 -3.10 -1.55
N HIS A 98 -1.18 -4.19 -0.82
CA HIS A 98 -1.92 -5.33 -1.34
C HIS A 98 -3.37 -4.96 -1.67
N TYR A 99 -4.03 -4.23 -0.76
CA TYR A 99 -5.40 -3.78 -1.00
C TYR A 99 -5.48 -2.88 -2.23
N ARG A 100 -4.56 -1.91 -2.33
CA ARG A 100 -4.55 -1.00 -3.49
C ARG A 100 -4.35 -1.75 -4.81
N GLU A 101 -3.39 -2.67 -4.85
CA GLU A 101 -3.17 -3.47 -6.06
C GLU A 101 -4.40 -4.32 -6.43
N GLN A 102 -5.07 -4.88 -5.42
CA GLN A 102 -6.26 -5.68 -5.67
C GLN A 102 -7.42 -4.84 -6.18
N ILE A 103 -7.59 -3.64 -5.62
CA ILE A 103 -8.62 -2.70 -6.08
C ILE A 103 -8.39 -2.35 -7.54
N LYS A 104 -7.14 -2.06 -7.90
CA LYS A 104 -6.81 -1.74 -9.29
C LYS A 104 -7.22 -2.87 -10.24
N ARG A 105 -6.95 -4.11 -9.84
CA ARG A 105 -7.26 -5.27 -10.66
C ARG A 105 -8.74 -5.58 -10.74
N VAL A 106 -9.45 -5.53 -9.61
CA VAL A 106 -10.90 -5.80 -9.59
C VAL A 106 -11.65 -4.75 -10.41
N LYS A 107 -11.26 -3.49 -10.26
CA LYS A 107 -11.93 -2.38 -10.95
C LYS A 107 -11.32 -2.08 -12.36
N ASP A 108 -10.20 -2.71 -12.68
CA ASP A 108 -9.49 -2.54 -13.96
C ASP A 108 -9.20 -1.06 -14.24
N SER A 109 -8.57 -0.42 -13.26
CA SER A 109 -8.31 1.01 -13.31
C SER A 109 -7.12 1.40 -12.44
N GLU A 110 -6.30 2.33 -12.92
CA GLU A 110 -5.24 2.91 -12.10
C GLU A 110 -5.64 4.18 -11.34
N ASP A 111 -6.88 4.66 -11.52
CA ASP A 111 -7.31 5.95 -10.96
C ASP A 111 -8.54 5.84 -10.04
N VAL A 112 -8.49 4.93 -9.08
CA VAL A 112 -9.64 4.69 -8.18
C VAL A 112 -9.56 5.62 -6.94
N PRO A 113 -10.66 6.33 -6.60
CA PRO A 113 -10.62 7.20 -5.41
C PRO A 113 -10.32 6.46 -4.10
N MET A 114 -9.30 6.96 -3.40
CA MET A 114 -8.84 6.35 -2.17
C MET A 114 -8.23 7.40 -1.26
N VAL A 115 -8.29 7.13 0.04
CA VAL A 115 -7.60 7.95 1.06
C VAL A 115 -6.85 7.00 1.98
N LEU A 116 -5.59 7.33 2.26
CA LEU A 116 -4.80 6.57 3.24
C LEU A 116 -5.08 7.09 4.64
N VAL A 117 -5.47 6.20 5.55
CA VAL A 117 -5.83 6.56 6.92
C VAL A 117 -4.91 5.88 7.92
N GLY A 118 -4.15 6.69 8.67
CA GLY A 118 -3.31 6.20 9.76
C GLY A 118 -4.06 6.32 11.06
N ASN A 119 -4.67 5.21 11.50
CA ASN A 119 -5.54 5.19 12.66
C ASN A 119 -4.80 4.89 13.98
N LYS A 120 -5.44 5.25 15.10
CA LYS A 120 -4.93 5.09 16.47
C LYS A 120 -3.77 6.06 16.70
N CYS A 121 -3.92 7.27 16.16
CA CYS A 121 -2.83 8.24 16.16
C CYS A 121 -2.53 8.80 17.56
N ASP A 122 -3.43 8.56 18.51
CA ASP A 122 -3.22 8.93 19.92
C ASP A 122 -2.35 7.96 20.75
N LEU A 123 -2.06 6.77 20.22
CA LEU A 123 -1.30 5.75 20.98
C LEU A 123 0.20 6.05 20.97
N PRO A 124 0.89 5.76 22.09
CA PRO A 124 2.33 6.04 22.18
C PRO A 124 3.24 5.00 21.49
N SER A 125 2.72 3.83 21.14
CA SER A 125 3.55 2.69 20.72
C SER A 125 3.79 2.69 19.20
N ARG A 126 4.13 3.85 18.64
CA ARG A 126 4.13 4.06 17.18
C ARG A 126 5.30 3.34 16.51
N THR A 127 4.99 2.55 15.49
CA THR A 127 5.99 1.81 14.71
C THR A 127 6.02 2.19 13.22
N VAL A 128 5.06 2.99 12.75
CA VAL A 128 5.05 3.53 11.39
C VAL A 128 5.15 5.06 11.53
N ASP A 129 6.21 5.65 10.97
CA ASP A 129 6.43 7.09 11.06
C ASP A 129 5.49 7.83 10.13
N THR A 130 5.06 9.02 10.56
CA THR A 130 4.22 9.91 9.75
C THR A 130 4.85 10.17 8.37
N LYS A 131 6.17 10.41 8.35
CA LYS A 131 6.91 10.65 7.13
C LYS A 131 6.80 9.51 6.11
N GLN A 132 6.93 8.27 6.58
CA GLN A 132 6.79 7.09 5.72
C GLN A 132 5.42 7.05 5.07
N ALA A 133 4.38 7.33 5.87
CA ALA A 133 3.01 7.29 5.40
C ALA A 133 2.72 8.44 4.43
N GLN A 134 3.20 9.65 4.74
CA GLN A 134 3.08 10.79 3.82
C GLN A 134 3.75 10.49 2.48
N ASP A 135 4.96 9.93 2.52
CA ASP A 135 5.68 9.56 1.30
C ASP A 135 4.95 8.50 0.47
N LEU A 136 4.40 7.49 1.13
CA LEU A 136 3.64 6.43 0.44
C LEU A 136 2.40 7.03 -0.22
N ALA A 137 1.69 7.88 0.51
CA ALA A 137 0.50 8.53 -0.04
C ALA A 137 0.83 9.38 -1.27
N ARG A 138 1.96 10.09 -1.23
CA ARG A 138 2.42 10.88 -2.37
C ARG A 138 2.73 9.99 -3.57
N SER A 139 3.42 8.87 -3.34
CA SER A 139 3.68 7.90 -4.43
C SER A 139 2.39 7.35 -5.03
N TYR A 140 1.40 7.07 -4.17
CA TYR A 140 0.11 6.55 -4.62
C TYR A 140 -0.79 7.62 -5.25
N GLY A 141 -0.47 8.89 -5.03
CA GLY A 141 -1.26 10.00 -5.56
C GLY A 141 -2.55 10.20 -4.78
N ILE A 142 -2.51 9.95 -3.47
CA ILE A 142 -3.73 10.02 -2.65
C ILE A 142 -3.50 10.83 -1.36
N PRO A 143 -4.59 11.36 -0.77
CA PRO A 143 -4.46 12.06 0.51
C PRO A 143 -4.13 11.11 1.65
N PHE A 144 -3.47 11.64 2.68
CA PHE A 144 -3.18 10.92 3.91
C PHE A 144 -3.73 11.68 5.11
N ILE A 145 -4.48 10.98 5.96
CA ILE A 145 -5.07 11.59 7.17
C ILE A 145 -4.81 10.69 8.37
N GLU A 146 -4.34 11.27 9.48
CA GLU A 146 -4.20 10.53 10.73
C GLU A 146 -5.48 10.68 11.54
N THR A 147 -5.93 9.58 12.13
CA THR A 147 -7.22 9.53 12.82
C THR A 147 -7.12 8.85 14.18
N SER A 148 -8.05 9.23 15.06
CA SER A 148 -8.31 8.50 16.29
C SER A 148 -9.77 8.66 16.66
N ALA A 149 -10.52 7.56 16.66
CA ALA A 149 -11.91 7.57 17.14
C ALA A 149 -12.03 7.94 18.63
N LYS A 150 -11.06 7.51 19.44
CA LYS A 150 -11.08 7.77 20.87
C LYS A 150 -10.92 9.26 21.22
N THR A 151 -10.04 9.97 20.52
CA THR A 151 -9.84 11.40 20.78
C THR A 151 -10.59 12.31 19.78
N ARG A 152 -11.40 11.71 18.92
CA ARG A 152 -12.20 12.40 17.90
C ARG A 152 -11.35 13.35 17.05
N GLN A 153 -10.29 12.80 16.48
N GLN A 153 -10.31 12.76 16.46
CA GLN A 153 -9.41 13.50 15.57
CA GLN A 153 -9.37 13.42 15.56
C GLN A 153 -9.45 12.84 14.19
C GLN A 153 -9.49 12.81 14.17
N GLY A 154 -9.58 13.65 13.15
CA GLY A 154 -9.46 13.20 11.76
C GLY A 154 -10.58 12.39 11.12
N VAL A 155 -11.59 11.98 11.89
CA VAL A 155 -12.57 11.02 11.40
C VAL A 155 -13.46 11.68 10.35
N ASP A 156 -14.01 12.84 10.69
CA ASP A 156 -14.81 13.61 9.72
C ASP A 156 -13.98 13.97 8.50
N ASP A 157 -12.73 14.38 8.73
CA ASP A 157 -11.84 14.76 7.64
C ASP A 157 -11.58 13.60 6.67
N ALA A 158 -11.37 12.41 7.21
CA ALA A 158 -11.10 11.22 6.37
C ALA A 158 -12.24 10.91 5.40
N PHE A 159 -13.46 10.85 5.92
CA PHE A 159 -14.63 10.54 5.09
C PHE A 159 -14.98 11.69 4.14
N TYR A 160 -14.91 12.93 4.63
CA TYR A 160 -15.16 14.12 3.80
C TYR A 160 -14.16 14.18 2.63
N THR A 161 -12.89 13.91 2.94
CA THR A 161 -11.83 13.91 1.92
C THR A 161 -12.06 12.84 0.86
N LEU A 162 -12.51 11.66 1.28
CA LEU A 162 -12.82 10.59 0.32
C LEU A 162 -13.95 10.99 -0.65
N VAL A 163 -15.01 11.60 -0.10
CA VAL A 163 -16.10 12.09 -0.93
C VAL A 163 -15.55 13.09 -1.96
N ARG A 164 -14.68 14.00 -1.53
CA ARG A 164 -14.05 14.96 -2.45
C ARG A 164 -13.22 14.27 -3.54
N GLU A 165 -12.51 13.21 -3.18
CA GLU A 165 -11.76 12.41 -4.18
C GLU A 165 -12.68 11.76 -5.22
N ILE A 166 -13.86 11.31 -4.80
CA ILE A 166 -14.84 10.72 -5.72
C ILE A 166 -15.39 11.80 -6.65
N ARG A 167 -15.72 12.96 -6.09
CA ARG A 167 -16.22 14.09 -6.87
C ARG A 167 -15.24 14.58 -7.94
N LYS A 168 -13.94 14.56 -7.63
CA LYS A 168 -12.90 14.97 -8.58
C LYS A 168 -12.67 13.98 -9.72
N HIS A 169 -12.93 12.69 -9.47
CA HIS A 169 -12.72 11.62 -10.46
C HIS A 169 -13.49 11.90 -11.75
N HIS B 21 9.59 -26.80 15.92
CA HIS B 21 8.70 -26.66 14.72
C HIS B 21 8.43 -25.19 14.31
N MET B 22 9.27 -24.27 14.79
CA MET B 22 9.17 -22.86 14.43
C MET B 22 9.41 -22.71 12.92
N ASP B 23 8.52 -21.96 12.25
CA ASP B 23 8.63 -21.68 10.81
C ASP B 23 9.70 -20.60 10.62
N LEU B 24 10.88 -21.00 10.16
CA LEU B 24 11.99 -20.05 9.96
C LEU B 24 11.74 -19.08 8.81
N GLY B 25 10.96 -19.49 7.82
CA GLY B 25 10.57 -18.60 6.73
C GLY B 25 9.77 -17.43 7.25
N LYS B 26 8.81 -17.72 8.13
CA LYS B 26 7.97 -16.70 8.75
C LYS B 26 8.82 -15.74 9.58
N LYS B 27 9.77 -16.27 10.35
CA LYS B 27 10.64 -15.43 11.16
C LYS B 27 11.53 -14.54 10.29
N LEU B 28 12.00 -15.08 9.17
CA LEU B 28 12.84 -14.31 8.25
C LEU B 28 12.05 -13.17 7.62
N LEU B 29 10.80 -13.43 7.23
CA LEU B 29 9.93 -12.39 6.69
C LEU B 29 9.74 -11.26 7.72
N GLU B 30 9.46 -11.65 8.96
CA GLU B 30 9.30 -10.68 10.06
C GLU B 30 10.56 -9.85 10.28
N ALA B 31 11.72 -10.50 10.25
CA ALA B 31 13.01 -9.80 10.44
C ALA B 31 13.28 -8.83 9.29
N ALA B 32 12.97 -9.24 8.05
CA ALA B 32 13.17 -8.39 6.89
C ALA B 32 12.27 -7.15 6.94
N ARG B 33 11.01 -7.34 7.30
CA ARG B 33 10.07 -6.22 7.52
C ARG B 33 10.63 -5.21 8.52
N ALA B 34 11.11 -5.72 9.64
CA ALA B 34 11.66 -4.89 10.72
C ALA B 34 13.03 -4.26 10.41
N GLY B 35 13.71 -4.72 9.36
CA GLY B 35 15.05 -4.25 9.01
C GLY B 35 16.09 -4.69 10.03
N GLN B 36 15.88 -5.86 10.64
CA GLN B 36 16.74 -6.37 11.72
C GLN B 36 17.86 -7.22 11.10
N ASP B 37 19.00 -6.59 10.82
CA ASP B 37 20.12 -7.27 10.16
C ASP B 37 20.60 -8.50 10.92
N ASP B 38 20.73 -8.37 12.24
CA ASP B 38 21.18 -9.46 13.12
C ASP B 38 20.30 -10.70 12.95
N GLU B 39 18.99 -10.49 13.09
CA GLU B 39 18.02 -11.59 13.01
C GLU B 39 18.02 -12.23 11.63
N VAL B 40 18.07 -11.41 10.59
CA VAL B 40 18.11 -11.90 9.21
C VAL B 40 19.31 -12.84 9.03
N ARG B 41 20.49 -12.40 9.45
CA ARG B 41 21.71 -13.19 9.25
C ARG B 41 21.74 -14.44 10.12
N ILE B 42 21.27 -14.34 11.37
CA ILE B 42 21.15 -15.51 12.25
C ILE B 42 20.19 -16.55 11.67
N LEU B 43 19.05 -16.09 11.17
CA LEU B 43 18.07 -17.00 10.57
C LEU B 43 18.61 -17.70 9.32
N MET B 44 19.26 -16.95 8.45
CA MET B 44 19.87 -17.55 7.26
C MET B 44 21.02 -18.50 7.60
N ALA B 45 21.78 -18.22 8.67
CA ALA B 45 22.80 -19.16 9.16
C ALA B 45 22.18 -20.49 9.64
N ASN B 46 20.95 -20.41 10.13
CA ASN B 46 20.17 -21.60 10.53
C ASN B 46 19.40 -22.27 9.39
N GLY B 47 19.59 -21.80 8.17
CA GLY B 47 19.03 -22.43 6.98
C GLY B 47 17.71 -21.86 6.51
N ALA B 48 17.25 -20.75 7.09
CA ALA B 48 15.97 -20.15 6.70
C ALA B 48 15.94 -19.90 5.19
N ASP B 49 14.85 -20.33 4.54
CA ASP B 49 14.69 -20.21 3.09
C ASP B 49 14.66 -18.73 2.68
N VAL B 50 15.67 -18.30 1.93
CA VAL B 50 15.78 -16.89 1.53
C VAL B 50 14.62 -16.43 0.63
N ASN B 51 14.00 -17.36 -0.10
CA ASN B 51 12.88 -17.03 -0.98
C ASN B 51 11.51 -17.45 -0.42
N ALA B 52 11.44 -17.69 0.88
CA ALA B 52 10.15 -17.98 1.53
C ALA B 52 9.18 -16.83 1.25
N SER B 53 7.91 -17.15 1.02
CA SER B 53 6.92 -16.12 0.73
C SER B 53 5.71 -16.19 1.65
N ASP B 54 5.06 -15.04 1.82
CA ASP B 54 3.83 -14.95 2.61
C ASP B 54 2.60 -15.22 1.74
N ARG B 55 1.40 -15.06 2.30
CA ARG B 55 0.17 -15.38 1.56
C ARG B 55 -0.04 -14.55 0.29
N TRP B 56 0.56 -13.37 0.23
CA TRP B 56 0.51 -12.50 -0.96
C TRP B 56 1.65 -12.76 -1.95
N GLY B 57 2.59 -13.63 -1.60
CA GLY B 57 3.76 -13.89 -2.45
C GLY B 57 4.95 -12.99 -2.22
N TRP B 58 4.90 -12.14 -1.19
CA TRP B 58 6.05 -11.31 -0.84
C TRP B 58 7.12 -12.16 -0.15
N THR B 59 8.33 -12.03 -0.67
CA THR B 59 9.54 -12.63 -0.09
C THR B 59 10.25 -11.63 0.82
N PRO B 60 11.30 -12.07 1.55
CA PRO B 60 12.09 -11.11 2.30
C PRO B 60 12.65 -9.97 1.43
N LEU B 61 13.02 -10.28 0.19
CA LEU B 61 13.51 -9.25 -0.73
C LEU B 61 12.41 -8.26 -1.13
N HIS B 62 11.18 -8.75 -1.36
CA HIS B 62 10.05 -7.82 -1.56
C HIS B 62 9.91 -6.88 -0.36
N LEU B 63 9.92 -7.44 0.85
CA LEU B 63 9.76 -6.64 2.06
C LEU B 63 10.87 -5.59 2.23
N ALA B 64 12.11 -6.01 2.06
CA ALA B 64 13.24 -5.09 2.19
C ALA B 64 13.18 -3.97 1.14
N ALA B 65 12.76 -4.32 -0.08
CA ALA B 65 12.64 -3.33 -1.16
C ALA B 65 11.52 -2.31 -0.90
N TRP B 66 10.36 -2.78 -0.45
CA TRP B 66 9.22 -1.89 -0.19
C TRP B 66 9.48 -0.97 1.02
N TRP B 67 10.02 -1.55 2.09
CA TRP B 67 10.28 -0.83 3.33
C TRP B 67 11.54 0.05 3.27
N GLY B 68 12.39 -0.15 2.26
CA GLY B 68 13.57 0.68 2.06
C GLY B 68 14.78 0.31 2.90
N HIS B 69 14.92 -0.98 3.21
CA HIS B 69 16.04 -1.49 4.01
C HIS B 69 17.20 -1.91 3.06
N LEU B 70 18.03 -0.93 2.70
CA LEU B 70 19.09 -1.17 1.71
C LEU B 70 20.08 -2.25 2.17
N GLU B 71 20.56 -2.15 3.41
CA GLU B 71 21.48 -3.13 3.99
C GLU B 71 20.93 -4.56 3.89
N ILE B 72 19.63 -4.72 4.17
CA ILE B 72 18.98 -6.03 4.14
C ILE B 72 18.85 -6.54 2.70
N VAL B 73 18.48 -5.66 1.78
CA VAL B 73 18.46 -6.03 0.36
C VAL B 73 19.82 -6.63 -0.06
N GLU B 74 20.90 -5.96 0.31
CA GLU B 74 22.25 -6.39 -0.09
C GLU B 74 22.59 -7.75 0.53
N VAL B 75 22.27 -7.92 1.80
CA VAL B 75 22.52 -9.19 2.52
C VAL B 75 21.76 -10.37 1.90
N LEU B 76 20.49 -10.16 1.58
CA LEU B 76 19.67 -11.20 0.96
C LEU B 76 20.17 -11.57 -0.43
N LEU B 77 20.53 -10.56 -1.23
CA LEU B 77 21.07 -10.80 -2.56
C LEU B 77 22.37 -11.57 -2.55
N LYS B 78 23.23 -11.26 -1.59
CA LYS B 78 24.50 -11.98 -1.43
C LYS B 78 24.31 -13.47 -1.08
N ARG B 79 23.19 -13.80 -0.42
CA ARG B 79 22.86 -15.17 -0.05
C ARG B 79 21.81 -15.85 -0.95
N GLY B 80 21.68 -15.40 -2.19
CA GLY B 80 20.92 -16.12 -3.20
C GLY B 80 19.45 -15.80 -3.30
N ALA B 81 19.02 -14.64 -2.80
CA ALA B 81 17.64 -14.21 -3.00
C ALA B 81 17.36 -14.10 -4.50
N ASP B 82 16.16 -14.52 -4.90
CA ASP B 82 15.75 -14.50 -6.30
C ASP B 82 15.20 -13.10 -6.61
N VAL B 83 15.98 -12.31 -7.35
CA VAL B 83 15.53 -10.98 -7.76
C VAL B 83 14.30 -10.98 -8.66
N SER B 84 14.02 -12.11 -9.32
CA SER B 84 12.88 -12.22 -10.24
C SER B 84 11.59 -12.68 -9.57
N ALA B 85 11.61 -12.96 -8.26
CA ALA B 85 10.44 -13.54 -7.60
C ALA B 85 9.23 -12.63 -7.83
N ALA B 86 8.13 -13.19 -8.32
CA ALA B 86 6.89 -12.44 -8.59
C ALA B 86 5.83 -12.86 -7.58
N ASP B 87 5.14 -11.87 -7.01
CA ASP B 87 4.09 -12.12 -6.03
C ASP B 87 2.75 -12.43 -6.71
N LEU B 88 1.66 -12.54 -5.93
CA LEU B 88 0.36 -12.86 -6.49
C LEU B 88 -0.17 -11.80 -7.46
N HIS B 89 0.32 -10.58 -7.32
CA HIS B 89 -0.02 -9.48 -8.25
C HIS B 89 0.99 -9.35 -9.39
N GLY B 90 1.89 -10.33 -9.53
CA GLY B 90 2.94 -10.28 -10.55
C GLY B 90 4.07 -9.30 -10.32
N GLN B 91 4.14 -8.69 -9.13
CA GLN B 91 5.15 -7.68 -8.85
C GLN B 91 6.41 -8.31 -8.27
N SER B 92 7.53 -7.87 -8.83
CA SER B 92 8.88 -8.22 -8.38
CA SER B 92 8.84 -8.27 -8.33
C SER B 92 9.39 -7.18 -7.40
N PRO B 93 10.50 -7.47 -6.68
CA PRO B 93 11.03 -6.43 -5.81
C PRO B 93 11.37 -5.11 -6.53
N LEU B 94 11.78 -5.18 -7.79
CA LEU B 94 12.03 -3.97 -8.58
C LEU B 94 10.76 -3.13 -8.79
N HIS B 95 9.60 -3.76 -9.00
CA HIS B 95 8.34 -3.01 -9.09
C HIS B 95 8.11 -2.21 -7.82
N LEU B 96 8.33 -2.86 -6.68
CA LEU B 96 8.05 -2.23 -5.39
C LEU B 96 8.99 -1.06 -5.11
N ALA B 97 10.29 -1.27 -5.29
CA ALA B 97 11.26 -0.20 -5.04
C ALA B 97 11.03 0.98 -6.00
N ALA B 98 10.68 0.69 -7.24
CA ALA B 98 10.44 1.74 -8.23
C ALA B 98 9.19 2.57 -7.92
N MET B 99 8.12 1.91 -7.47
CA MET B 99 6.88 2.61 -7.13
C MET B 99 7.01 3.48 -5.89
N VAL B 100 7.65 2.97 -4.84
CA VAL B 100 7.76 3.71 -3.58
C VAL B 100 8.94 4.66 -3.49
N GLY B 101 9.86 4.59 -4.45
CA GLY B 101 10.86 5.65 -4.64
C GLY B 101 12.23 5.40 -4.02
N HIS B 102 12.64 4.14 -3.91
CA HIS B 102 13.91 3.77 -3.30
C HIS B 102 14.99 3.56 -4.37
N LEU B 103 15.65 4.65 -4.74
CA LEU B 103 16.58 4.69 -5.89
C LEU B 103 17.79 3.77 -5.70
N GLU B 104 18.44 3.85 -4.54
CA GLU B 104 19.61 2.99 -4.26
C GLU B 104 19.26 1.50 -4.34
N ILE B 105 18.07 1.15 -3.87
CA ILE B 105 17.59 -0.23 -3.97
C ILE B 105 17.33 -0.63 -5.43
N VAL B 106 16.68 0.25 -6.20
CA VAL B 106 16.51 0.02 -7.65
C VAL B 106 17.85 -0.30 -8.32
N GLU B 107 18.85 0.52 -8.02
CA GLU B 107 20.20 0.34 -8.58
C GLU B 107 20.80 -1.03 -8.22
N VAL B 108 20.69 -1.43 -6.95
CA VAL B 108 21.27 -2.71 -6.49
C VAL B 108 20.54 -3.89 -7.11
N LEU B 109 19.21 -3.80 -7.22
CA LEU B 109 18.43 -4.89 -7.85
C LEU B 109 18.81 -5.08 -9.32
N LEU B 110 18.98 -3.98 -10.04
CA LEU B 110 19.43 -4.04 -11.43
C LEU B 110 20.85 -4.61 -11.56
N LYS B 111 21.74 -4.23 -10.64
CA LYS B 111 23.10 -4.79 -10.59
C LYS B 111 23.10 -6.30 -10.43
N TYR B 112 22.17 -6.83 -9.63
CA TYR B 112 22.02 -8.27 -9.39
C TYR B 112 21.15 -9.00 -10.43
N GLY B 113 20.82 -8.33 -11.53
CA GLY B 113 20.22 -8.98 -12.69
C GLY B 113 18.70 -8.92 -12.79
N ALA B 114 18.07 -8.02 -12.03
CA ALA B 114 16.61 -7.83 -12.11
C ALA B 114 16.16 -7.53 -13.53
N ASP B 115 15.04 -8.15 -13.94
CA ASP B 115 14.46 -7.94 -15.26
C ASP B 115 13.81 -6.56 -15.29
N VAL B 116 14.44 -5.64 -16.03
CA VAL B 116 14.00 -4.26 -16.07
C VAL B 116 12.60 -4.09 -16.71
N ASN B 117 12.20 -5.03 -17.57
CA ASN B 117 10.93 -4.93 -18.29
C ASN B 117 9.86 -5.94 -17.84
N ALA B 118 10.06 -6.54 -16.67
CA ALA B 118 9.09 -7.47 -16.08
C ALA B 118 7.73 -6.80 -15.96
N LYS B 119 6.67 -7.46 -16.41
CA LYS B 119 5.31 -6.93 -16.28
C LYS B 119 4.53 -7.65 -15.18
N ASP B 120 3.84 -6.88 -14.35
CA ASP B 120 2.94 -7.46 -13.34
C ASP B 120 1.60 -7.86 -13.98
N THR B 121 0.64 -8.33 -13.18
CA THR B 121 -0.62 -8.84 -13.76
C THR B 121 -1.57 -7.75 -14.28
N MET B 122 -1.29 -6.48 -13.99
CA MET B 122 -1.94 -5.34 -14.68
C MET B 122 -1.22 -4.94 -15.97
N GLY B 123 -0.11 -5.62 -16.30
CA GLY B 123 0.72 -5.25 -17.45
C GLY B 123 1.71 -4.13 -17.21
N ALA B 124 1.93 -3.77 -15.95
CA ALA B 124 2.79 -2.64 -15.57
C ALA B 124 4.25 -3.06 -15.43
N THR B 125 5.13 -2.33 -16.11
CA THR B 125 6.57 -2.42 -15.87
C THR B 125 6.97 -1.56 -14.66
N PRO B 126 8.19 -1.79 -14.11
CA PRO B 126 8.65 -0.90 -13.04
C PRO B 126 8.68 0.59 -13.46
N LEU B 127 9.08 0.86 -14.70
CA LEU B 127 9.06 2.23 -15.22
C LEU B 127 7.65 2.83 -15.25
N HIS B 128 6.66 2.05 -15.70
CA HIS B 128 5.27 2.50 -15.69
C HIS B 128 4.86 2.97 -14.29
N LEU B 129 5.22 2.19 -13.27
CA LEU B 129 4.87 2.52 -11.89
C LEU B 129 5.66 3.72 -11.36
N ALA B 130 6.96 3.76 -11.64
CA ALA B 130 7.78 4.92 -11.23
C ALA B 130 7.30 6.24 -11.84
N ALA B 131 6.93 6.19 -13.12
CA ALA B 131 6.47 7.39 -13.83
C ALA B 131 5.19 7.92 -13.19
N ARG B 132 4.23 7.02 -12.95
CA ARG B 132 2.96 7.42 -12.33
C ARG B 132 3.13 7.95 -10.90
N SER B 133 4.12 7.41 -10.18
CA SER B 133 4.41 7.83 -8.80
C SER B 133 5.29 9.08 -8.71
N GLY B 134 5.73 9.62 -9.85
CA GLY B 134 6.48 10.87 -9.88
C GLY B 134 7.96 10.74 -9.57
N HIS B 135 8.51 9.54 -9.75
CA HIS B 135 9.91 9.26 -9.43
C HIS B 135 10.76 9.32 -10.70
N LEU B 136 11.06 10.54 -11.13
CA LEU B 136 11.76 10.79 -12.39
C LEU B 136 13.16 10.17 -12.41
N GLU B 137 13.93 10.33 -11.34
CA GLU B 137 15.30 9.79 -11.28
C GLU B 137 15.30 8.27 -11.43
N ILE B 138 14.30 7.61 -10.87
CA ILE B 138 14.12 6.17 -11.04
C ILE B 138 13.77 5.81 -12.49
N VAL B 139 12.84 6.56 -13.09
CA VAL B 139 12.50 6.35 -14.51
C VAL B 139 13.78 6.40 -15.36
N GLU B 140 14.59 7.42 -15.11
CA GLU B 140 15.85 7.60 -15.84
C GLU B 140 16.86 6.49 -15.58
N GLU B 141 16.94 6.02 -14.33
CA GLU B 141 17.81 4.88 -13.99
C GLU B 141 17.36 3.61 -14.71
N LEU B 142 16.06 3.38 -14.80
CA LEU B 142 15.51 2.25 -15.53
C LEU B 142 15.79 2.36 -17.03
N LEU B 143 15.58 3.55 -17.61
CA LEU B 143 15.90 3.80 -19.02
C LEU B 143 17.37 3.53 -19.35
N LYS B 144 18.27 3.94 -18.46
CA LYS B 144 19.71 3.66 -18.57
C LYS B 144 20.04 2.16 -18.62
N ASN B 145 19.19 1.35 -18.01
CA ASN B 145 19.30 -0.12 -17.99
C ASN B 145 18.41 -0.85 -19.00
N GLY B 146 17.95 -0.14 -20.04
CA GLY B 146 17.23 -0.74 -21.16
C GLY B 146 15.73 -0.86 -21.02
N ALA B 147 15.13 -0.09 -20.12
CA ALA B 147 13.68 -0.10 -19.93
C ALA B 147 12.93 0.39 -21.17
N ASP B 148 11.88 -0.34 -21.54
CA ASP B 148 10.93 0.09 -22.57
C ASP B 148 10.07 1.20 -21.98
N MET B 149 9.72 2.17 -22.82
CA MET B 149 8.83 3.24 -22.44
C MET B 149 7.91 3.57 -23.62
N ASN B 150 6.67 3.89 -23.33
CA ASN B 150 5.70 4.24 -24.36
C ASN B 150 4.75 5.34 -23.87
N ALA B 151 3.90 5.82 -24.77
CA ALA B 151 2.97 6.91 -24.47
C ALA B 151 2.00 6.66 -23.31
N GLN B 152 1.73 5.39 -22.99
CA GLN B 152 0.84 5.05 -21.88
C GLN B 152 1.55 5.10 -20.51
N ASP B 153 2.87 5.29 -20.49
CA ASP B 153 3.61 5.51 -19.25
C ASP B 153 3.57 6.98 -18.84
N LYS B 154 2.40 7.41 -18.34
CA LYS B 154 2.13 8.81 -18.01
C LYS B 154 2.79 9.22 -16.68
N PHE B 155 3.16 10.49 -16.56
CA PHE B 155 3.81 11.02 -15.35
C PHE B 155 2.80 11.54 -14.33
N GLY B 156 3.07 11.27 -13.04
CA GLY B 156 2.39 11.95 -11.92
C GLY B 156 3.16 13.20 -11.51
N LYS B 157 2.83 13.76 -10.34
CA LYS B 157 3.51 14.95 -9.82
C LYS B 157 4.97 14.65 -9.44
N THR B 158 5.90 15.25 -10.18
CA THR B 158 7.34 15.02 -9.97
C THR B 158 7.85 15.82 -8.75
N ASP B 170 22.33 9.61 -15.91
CA ASP B 170 22.22 10.98 -16.41
C ASP B 170 21.26 11.08 -17.60
N LEU B 171 20.85 12.31 -17.89
CA LEU B 171 19.98 12.61 -19.03
C LEU B 171 20.76 12.49 -20.34
N ALA B 172 22.00 12.99 -20.35
CA ALA B 172 22.90 12.86 -21.50
C ALA B 172 23.08 11.41 -21.96
N GLU B 173 23.28 10.49 -21.00
CA GLU B 173 23.42 9.05 -21.30
C GLU B 173 22.22 8.45 -22.03
N ILE B 174 21.01 8.78 -21.58
CA ILE B 174 19.77 8.25 -22.17
C ILE B 174 19.54 8.79 -23.60
N LEU B 175 19.78 10.08 -23.80
CA LEU B 175 19.50 10.72 -25.09
C LEU B 175 20.58 10.41 -26.13
#